data_1D3P
#
_entry.id   1D3P
#
_cell.length_a   71.370
_cell.length_b   72.010
_cell.length_c   73.440
_cell.angle_alpha   90.00
_cell.angle_beta   100.36
_cell.angle_gamma   90.00
#
_symmetry.space_group_name_H-M   'C 1 2 1'
#
loop_
_entity.id
_entity.type
_entity.pdbx_description
1 polymer ALPHA-THROMBIN
2 polymer ALPHA-THROMBIN
3 polymer HIRUGEN
4 non-polymer 2-acetamido-2-deoxy-beta-D-glucopyranose
5 non-polymer 'SODIUM ION'
6 non-polymer '3-[4-(2-PYRROLIDIN-1-YL-ETHOXY)-BENZYL]-2-4-(2-PYRROLIDIN-1-YL-ETHOXY)-PHENYL] -BENZO[B]THIOPHEN-6-OL'
7 water water
#
loop_
_entity_poly.entity_id
_entity_poly.type
_entity_poly.pdbx_seq_one_letter_code
_entity_poly.pdbx_strand_id
1 'polypeptide(L)' TFGSGEADCGLRPLFEKKSLEDKTERELLESYIDGR A
2 'polypeptide(L)'
;IVEGSDAEIGMSPWQVMLFRKSPQELLCGASLISDRWVLTAAHCLLYPPWDKNFTENDLLVRIGKHSRTRYERNIEKISM
LEKIYIHPRYNWRENLDRDIALMKLKKPVAFSDYIHPVCLPDRETAASLLQAGYKGRVTGWGNLKETWTANVGKGQPSVL
QVVNLPIVERPVCKDSTRIRITDNMFCAGYKPDEGKRGDACEGDSGGPFVMKSPFNNRWYQMGIVSWGEGCDRDGKYGFY
THVFRLKKWIQKVIDQFGE
;
B
3 'polypeptide(L)' GDFEEIPEE(TYS)LQ H
#
loop_
_chem_comp.id
_chem_comp.type
_chem_comp.name
_chem_comp.formula
BT3 non-polymer '3-[4-(2-PYRROLIDIN-1-YL-ETHOXY)-BENZYL]-2-4-(2-PYRROLIDIN-1-YL-ETHOXY)-PHENYL] -BENZO[B]THIOPHEN-6-OL' 'C32 H37 N3 O3 S'
NA non-polymer 'SODIUM ION' 'Na 1'
NAG D-saccharide, beta linking 2-acetamido-2-deoxy-beta-D-glucopyranose 'C8 H15 N O6'
#
# COMPACT_ATOMS: atom_id res chain seq x y z
N GLU A 6 12.39 -12.02 2.35
CA GLU A 6 12.52 -13.00 1.23
C GLU A 6 13.81 -12.78 0.44
N ALA A 7 14.44 -13.88 0.05
CA ALA A 7 15.69 -13.84 -0.71
C ALA A 7 15.66 -12.93 -1.92
N ASP A 8 14.67 -13.10 -2.79
CA ASP A 8 14.60 -12.24 -3.97
C ASP A 8 13.44 -11.24 -3.89
N CYS A 9 13.20 -10.71 -2.68
CA CYS A 9 12.14 -9.75 -2.49
C CYS A 9 12.47 -8.50 -3.30
N GLY A 10 11.43 -7.79 -3.74
CA GLY A 10 11.64 -6.55 -4.43
C GLY A 10 12.21 -6.59 -5.83
N LEU A 11 12.35 -7.78 -6.42
CA LEU A 11 12.87 -7.89 -7.79
C LEU A 11 11.72 -8.44 -8.61
N ARG A 12 11.16 -7.62 -9.49
CA ARG A 12 10.01 -8.03 -10.31
C ARG A 12 10.32 -8.95 -11.50
N PRO A 13 9.62 -10.09 -11.61
CA PRO A 13 9.82 -11.04 -12.70
C PRO A 13 9.83 -10.40 -14.09
N LEU A 14 8.89 -9.51 -14.37
CA LEU A 14 8.80 -8.86 -15.69
C LEU A 14 9.63 -7.61 -15.86
N PHE A 15 10.35 -7.20 -14.84
CA PHE A 15 11.18 -6.00 -15.02
C PHE A 15 12.64 -6.21 -14.56
N GLU A 16 12.94 -6.08 -13.27
CA GLU A 16 14.32 -6.24 -12.82
C GLU A 16 14.97 -7.55 -13.28
N LYS A 17 14.24 -8.65 -13.18
CA LYS A 17 14.76 -9.96 -13.58
C LYS A 17 15.07 -10.10 -15.06
N LYS A 18 14.49 -9.22 -15.88
CA LYS A 18 14.71 -9.26 -17.34
C LYS A 18 15.53 -8.05 -17.75
N SER A 19 15.87 -7.25 -16.76
CA SER A 19 16.62 -6.02 -16.98
C SER A 19 15.85 -5.02 -17.86
N LEU A 20 14.53 -4.95 -17.64
CA LEU A 20 13.65 -4.01 -18.34
C LEU A 20 13.16 -2.98 -17.31
N GLU A 21 13.04 -1.73 -17.71
CA GLU A 21 12.59 -0.68 -16.80
C GLU A 21 11.14 -0.33 -17.05
N ASP A 22 10.40 0.07 -16.02
CA ASP A 22 9.01 0.45 -16.27
C ASP A 22 8.96 1.91 -16.72
N LYS A 23 7.79 2.34 -17.17
CA LYS A 23 7.59 3.68 -17.69
C LYS A 23 8.05 4.87 -16.86
N THR A 24 7.95 4.80 -15.54
CA THR A 24 8.34 5.97 -14.77
C THR A 24 9.34 5.78 -13.64
N GLU A 25 9.97 4.61 -13.53
CA GLU A 25 10.92 4.44 -12.43
C GLU A 25 12.09 5.42 -12.48
N ARG A 26 12.45 5.87 -13.68
CA ARG A 26 13.52 6.83 -13.84
C ARG A 26 13.28 8.11 -13.05
N GLU A 27 12.01 8.49 -12.92
CA GLU A 27 11.61 9.69 -12.18
C GLU A 27 12.05 9.55 -10.71
N LEU A 28 11.80 8.38 -10.13
CA LEU A 28 12.21 8.14 -8.74
C LEU A 28 13.73 8.24 -8.60
N LEU A 29 14.45 7.45 -9.41
CA LEU A 29 15.91 7.44 -9.34
C LEU A 29 16.53 8.82 -9.54
N GLU A 30 15.94 9.63 -10.41
CA GLU A 30 16.49 10.96 -10.65
C GLU A 30 16.26 11.87 -9.43
N SER A 31 15.30 11.54 -8.58
CA SER A 31 15.04 12.36 -7.40
C SER A 31 16.04 12.06 -6.27
N TYR A 32 16.67 10.90 -6.33
CA TYR A 32 17.63 10.50 -5.30
C TYR A 32 19.01 11.11 -5.49
N ILE A 33 19.17 12.36 -5.06
CA ILE A 33 20.46 13.04 -5.18
C ILE A 33 21.57 12.35 -4.42
N ILE B 1 -6.64 6.44 -6.60
CA ILE B 1 -5.54 7.37 -6.94
C ILE B 1 -6.02 8.53 -7.79
N VAL B 2 -5.58 9.73 -7.43
CA VAL B 2 -5.95 10.95 -8.13
C VAL B 2 -4.78 11.48 -8.96
N GLU B 3 -5.03 11.67 -10.25
CA GLU B 3 -4.03 12.20 -11.18
C GLU B 3 -2.87 11.24 -11.44
N GLY B 4 -3.17 9.93 -11.45
CA GLY B 4 -2.16 8.93 -11.70
C GLY B 4 -2.35 8.38 -13.10
N SER B 5 -1.79 7.22 -13.39
CA SER B 5 -1.96 6.64 -14.71
C SER B 5 -2.07 5.15 -14.57
N ASP B 6 -2.52 4.49 -15.63
CA ASP B 6 -2.68 3.04 -15.61
C ASP B 6 -1.34 2.40 -15.35
N ALA B 7 -1.32 1.37 -14.52
CA ALA B 7 -0.07 0.68 -14.22
C ALA B 7 0.23 -0.29 -15.36
N GLU B 8 1.50 -0.66 -15.52
CA GLU B 8 1.87 -1.63 -16.55
C GLU B 8 1.62 -3.00 -15.92
N ILE B 9 1.39 -4.01 -16.75
CA ILE B 9 1.18 -5.36 -16.26
C ILE B 9 2.43 -5.80 -15.48
N GLY B 10 2.23 -6.37 -14.29
CA GLY B 10 3.35 -6.83 -13.48
C GLY B 10 4.22 -5.76 -12.80
N MET B 11 3.79 -4.50 -12.89
CA MET B 11 4.50 -3.37 -12.29
C MET B 11 4.56 -3.37 -10.74
N SER B 12 3.55 -3.90 -10.08
CA SER B 12 3.49 -3.97 -8.61
C SER B 12 2.97 -5.34 -8.27
N PRO B 13 3.82 -6.35 -8.38
CA PRO B 13 3.36 -7.71 -8.09
C PRO B 13 3.05 -8.01 -6.62
N TRP B 14 3.40 -7.09 -5.72
CA TRP B 14 3.12 -7.24 -4.28
C TRP B 14 1.76 -6.58 -3.91
N GLN B 15 1.13 -5.91 -4.87
CA GLN B 15 -0.15 -5.24 -4.59
C GLN B 15 -1.26 -6.24 -4.29
N VAL B 16 -1.95 -6.01 -3.18
CA VAL B 16 -3.02 -6.89 -2.77
C VAL B 16 -4.34 -6.12 -2.63
N MET B 17 -5.46 -6.80 -2.91
CA MET B 17 -6.77 -6.19 -2.79
C MET B 17 -7.49 -6.82 -1.59
N LEU B 18 -7.99 -5.97 -0.68
CA LEU B 18 -8.76 -6.41 0.48
C LEU B 18 -10.20 -6.33 -0.03
N PHE B 19 -10.85 -7.47 -0.04
CA PHE B 19 -12.20 -7.58 -0.60
C PHE B 19 -13.20 -8.11 0.42
N ARG B 20 -14.34 -7.43 0.52
CA ARG B 20 -15.40 -7.85 1.44
C ARG B 20 -16.20 -8.99 0.84
N LYS B 21 -16.47 -10.01 1.66
CA LYS B 21 -17.24 -11.18 1.23
C LYS B 21 -18.67 -10.83 0.81
N SER B 22 -19.41 -10.19 1.72
CA SER B 22 -20.78 -9.81 1.42
C SER B 22 -21.19 -8.58 2.21
N PRO B 23 -21.58 -7.50 1.50
CA PRO B 23 -21.61 -7.48 0.04
C PRO B 23 -20.18 -7.48 -0.51
N GLN B 24 -20.00 -8.09 -1.69
CA GLN B 24 -18.69 -8.16 -2.33
C GLN B 24 -18.24 -6.77 -2.72
N GLU B 25 -17.18 -6.27 -2.08
CA GLU B 25 -16.69 -4.94 -2.40
C GLU B 25 -15.23 -4.70 -2.03
N LEU B 26 -14.64 -3.72 -2.69
CA LEU B 26 -13.26 -3.34 -2.45
C LEU B 26 -13.25 -2.56 -1.15
N LEU B 27 -12.38 -2.95 -0.22
CA LEU B 27 -12.29 -2.29 1.06
C LEU B 27 -11.03 -1.46 1.20
N CYS B 28 -9.91 -2.01 0.76
CA CYS B 28 -8.64 -1.31 0.96
C CYS B 28 -7.55 -1.96 0.13
N GLY B 29 -6.38 -1.34 0.13
CA GLY B 29 -5.24 -1.93 -0.56
C GLY B 29 -4.45 -2.65 0.51
N ALA B 30 -3.38 -3.35 0.10
CA ALA B 30 -2.52 -4.07 1.04
C ALA B 30 -1.29 -4.51 0.24
N SER B 31 -0.36 -5.22 0.89
CA SER B 31 0.86 -5.66 0.20
C SER B 31 1.34 -7.03 0.67
N LEU B 32 1.95 -7.78 -0.25
CA LEU B 32 2.45 -9.13 0.07
C LEU B 32 3.90 -9.01 0.48
N ILE B 33 4.24 -9.45 1.69
CA ILE B 33 5.63 -9.35 2.14
C ILE B 33 6.34 -10.71 2.28
N SER B 34 5.59 -11.78 2.02
CA SER B 34 6.12 -13.13 2.06
C SER B 34 5.03 -14.04 1.52
N ASP B 35 5.30 -15.34 1.41
CA ASP B 35 4.29 -16.26 0.88
C ASP B 35 3.05 -16.40 1.75
N ARG B 36 3.16 -16.04 3.02
CA ARG B 36 2.00 -16.15 3.91
C ARG B 36 1.60 -14.89 4.70
N TRP B 37 2.27 -13.77 4.49
CA TRP B 37 1.94 -12.54 5.22
C TRP B 37 1.62 -11.32 4.36
N VAL B 38 0.53 -10.65 4.73
CA VAL B 38 0.08 -9.45 4.06
C VAL B 38 0.12 -8.27 5.03
N LEU B 39 0.59 -7.12 4.58
CA LEU B 39 0.69 -5.92 5.40
C LEU B 39 -0.38 -4.93 4.94
N THR B 40 -1.05 -4.26 5.89
CA THR B 40 -2.09 -3.29 5.56
C THR B 40 -2.21 -2.27 6.70
N ALA B 41 -3.17 -1.35 6.60
CA ALA B 41 -3.36 -0.36 7.64
C ALA B 41 -4.43 -0.87 8.59
N ALA B 42 -4.23 -0.67 9.89
CA ALA B 42 -5.20 -1.13 10.89
C ALA B 42 -6.59 -0.50 10.69
N HIS B 43 -6.65 0.76 10.28
CA HIS B 43 -7.95 1.40 10.14
C HIS B 43 -8.83 0.71 9.10
N CYS B 44 -8.22 -0.12 8.26
CA CYS B 44 -8.97 -0.85 7.24
C CYS B 44 -9.78 -1.94 7.91
N LEU B 45 -9.29 -2.44 9.04
CA LEU B 45 -9.96 -3.50 9.76
C LEU B 45 -10.76 -3.01 10.97
N LEU B 46 -10.20 -2.02 11.67
CA LEU B 46 -10.81 -1.50 12.87
C LEU B 46 -10.81 0.02 12.96
N TYR B 47 -12.01 0.58 12.98
CA TYR B 47 -12.19 2.00 13.17
C TYR B 47 -13.60 2.26 13.63
N PRO B 48 -13.77 2.17 14.97
CA PRO B 48 -15.06 2.36 15.64
C PRO B 48 -15.87 3.59 15.23
N PRO B 49 -15.20 4.75 15.09
CA PRO B 49 -15.97 5.94 14.69
C PRO B 49 -16.83 5.74 13.44
N TRP B 50 -16.42 4.83 12.55
CA TRP B 50 -17.19 4.55 11.34
C TRP B 50 -17.81 3.17 11.40
N ASP B 51 -17.96 2.65 12.62
CA ASP B 51 -18.54 1.33 12.86
C ASP B 51 -17.89 0.21 12.07
N LYS B 52 -16.58 0.31 11.95
CA LYS B 52 -15.81 -0.68 11.22
C LYS B 52 -15.04 -1.60 12.17
N ASN B 53 -15.31 -2.89 12.08
CA ASN B 53 -14.62 -3.89 12.91
C ASN B 53 -14.75 -5.28 12.29
N PHE B 54 -13.89 -5.55 11.32
CA PHE B 54 -13.89 -6.82 10.59
C PHE B 54 -13.04 -7.94 11.20
N THR B 55 -13.47 -9.18 11.03
CA THR B 55 -12.70 -10.33 11.51
C THR B 55 -12.26 -11.18 10.32
N GLU B 56 -11.39 -12.14 10.59
CA GLU B 56 -10.88 -13.03 9.56
C GLU B 56 -11.96 -13.49 8.59
N ASN B 57 -13.03 -14.06 9.14
CA ASN B 57 -14.10 -14.58 8.31
C ASN B 57 -14.87 -13.55 7.47
N ASP B 58 -14.71 -12.27 7.79
CA ASP B 58 -15.41 -11.23 7.06
C ASP B 58 -14.85 -10.90 5.68
N LEU B 59 -13.60 -11.26 5.40
CA LEU B 59 -13.08 -10.88 4.10
C LEU B 59 -12.13 -11.82 3.38
N LEU B 60 -11.74 -11.40 2.18
CA LEU B 60 -10.84 -12.15 1.33
C LEU B 60 -9.72 -11.25 0.83
N VAL B 61 -8.60 -11.88 0.46
CA VAL B 61 -7.45 -11.20 -0.06
C VAL B 61 -7.29 -11.68 -1.52
N ARG B 62 -7.15 -10.75 -2.47
CA ARG B 62 -6.99 -11.11 -3.88
C ARG B 62 -5.64 -10.58 -4.38
N ILE B 63 -4.80 -11.51 -4.80
CA ILE B 63 -3.43 -11.23 -5.24
C ILE B 63 -3.15 -11.43 -6.73
N GLY B 64 -2.30 -10.58 -7.29
CA GLY B 64 -1.93 -10.67 -8.70
C GLY B 64 -2.87 -9.99 -9.69
N LYS B 65 -3.78 -9.15 -9.19
CA LYS B 65 -4.74 -8.47 -10.05
C LYS B 65 -4.24 -7.24 -10.79
N HIS B 66 -5.01 -6.87 -11.80
CA HIS B 66 -4.72 -5.69 -12.58
C HIS B 66 -6.04 -4.95 -12.76
N SER B 67 -7.04 -5.70 -13.21
CA SER B 67 -8.37 -5.14 -13.42
C SER B 67 -9.04 -5.04 -12.06
N ARG B 68 -9.80 -3.97 -11.82
CA ARG B 68 -10.48 -3.77 -10.53
C ARG B 68 -11.66 -4.70 -10.26
N THR B 69 -12.50 -4.93 -11.27
CA THR B 69 -13.71 -5.73 -11.06
C THR B 69 -13.78 -7.12 -11.67
N ARG B 70 -12.97 -7.39 -12.68
CA ARG B 70 -13.03 -8.70 -13.30
C ARG B 70 -12.33 -9.78 -12.50
N TYR B 71 -12.87 -11.00 -12.53
CA TYR B 71 -12.23 -12.11 -11.85
C TYR B 71 -11.22 -12.62 -12.87
N GLU B 72 -9.96 -12.22 -12.70
CA GLU B 72 -8.89 -12.57 -13.63
C GLU B 72 -8.40 -14.03 -13.59
N ARG B 73 -9.23 -14.89 -14.19
CA ARG B 73 -9.01 -16.34 -14.29
C ARG B 73 -7.59 -16.73 -14.70
N ASN B 74 -7.03 -17.73 -14.00
CA ASN B 74 -5.68 -18.25 -14.24
C ASN B 74 -4.55 -17.27 -13.90
N ILE B 75 -4.90 -16.06 -13.46
CA ILE B 75 -3.87 -15.07 -13.12
C ILE B 75 -3.89 -14.74 -11.64
N GLU B 76 -5.03 -14.23 -11.15
CA GLU B 76 -5.17 -13.87 -9.74
C GLU B 76 -5.41 -15.07 -8.84
N LYS B 77 -5.04 -14.93 -7.58
CA LYS B 77 -5.23 -15.94 -6.56
C LYS B 77 -6.02 -15.29 -5.43
N ILE B 78 -7.05 -15.98 -4.95
CA ILE B 78 -7.87 -15.49 -3.85
C ILE B 78 -7.52 -16.33 -2.63
N SER B 79 -7.26 -15.68 -1.50
CA SER B 79 -6.89 -16.38 -0.28
C SER B 79 -7.76 -16.02 0.91
N MET B 80 -7.86 -16.95 1.85
CA MET B 80 -8.63 -16.75 3.06
C MET B 80 -7.65 -16.44 4.18
N LEU B 81 -8.13 -15.72 5.19
CA LEU B 81 -7.29 -15.33 6.32
C LEU B 81 -7.37 -16.29 7.47
N GLU B 82 -6.25 -16.49 8.14
CA GLU B 82 -6.16 -17.37 9.28
C GLU B 82 -6.22 -16.54 10.56
N LYS B 83 -5.52 -15.41 10.56
CA LYS B 83 -5.50 -14.53 11.73
C LYS B 83 -5.08 -13.11 11.36
N ILE B 84 -5.62 -12.15 12.10
CA ILE B 84 -5.33 -10.74 11.91
C ILE B 84 -4.63 -10.21 13.16
N TYR B 85 -3.60 -9.39 12.98
CA TYR B 85 -2.89 -8.81 14.09
C TYR B 85 -2.83 -7.31 13.97
N ILE B 86 -3.47 -6.63 14.91
CA ILE B 86 -3.48 -5.18 14.91
C ILE B 86 -2.49 -4.71 15.97
N HIS B 87 -1.73 -3.67 15.67
CA HIS B 87 -0.75 -3.19 16.63
C HIS B 87 -1.45 -2.86 17.94
N PRO B 88 -0.91 -3.38 19.06
CA PRO B 88 -1.45 -3.16 20.40
C PRO B 88 -1.68 -1.70 20.76
N ARG B 89 -0.86 -0.80 20.21
CA ARG B 89 -0.96 0.62 20.51
C ARG B 89 -1.48 1.47 19.35
N TYR B 90 -2.25 0.86 18.47
CA TYR B 90 -2.87 1.57 17.35
C TYR B 90 -3.76 2.65 18.00
N ASN B 91 -3.51 3.92 17.71
CA ASN B 91 -4.32 5.00 18.30
C ASN B 91 -5.45 5.50 17.41
N TRP B 92 -6.55 4.76 17.34
CA TRP B 92 -7.68 5.15 16.51
C TRP B 92 -8.54 6.28 17.06
N ARG B 93 -8.40 6.61 18.34
CA ARG B 93 -9.21 7.67 18.94
C ARG B 93 -8.76 9.07 18.57
N GLU B 94 -7.45 9.25 18.43
CA GLU B 94 -6.95 10.58 18.12
C GLU B 94 -6.33 10.85 16.73
N ASN B 95 -5.19 10.23 16.43
CA ASN B 95 -4.49 10.51 15.17
C ASN B 95 -4.10 9.34 14.25
N LEU B 96 -4.59 8.13 14.54
CA LEU B 96 -4.25 6.95 13.73
C LEU B 96 -2.75 6.60 13.82
N ASP B 97 -2.13 6.94 14.95
CA ASP B 97 -0.71 6.66 15.21
C ASP B 97 -0.55 5.13 15.23
N ARG B 98 0.50 4.63 14.60
CA ARG B 98 0.73 3.18 14.51
C ARG B 98 -0.40 2.50 13.75
N ASP B 99 -0.79 3.09 12.63
CA ASP B 99 -1.86 2.54 11.78
C ASP B 99 -1.25 1.34 11.00
N ILE B 100 -1.19 0.17 11.61
CA ILE B 100 -0.61 -0.97 10.95
C ILE B 100 -1.21 -2.30 11.38
N ALA B 101 -1.27 -3.25 10.45
CA ALA B 101 -1.79 -4.57 10.73
C ALA B 101 -1.19 -5.65 9.82
N LEU B 102 -1.10 -6.87 10.37
CA LEU B 102 -0.57 -8.01 9.65
C LEU B 102 -1.72 -9.01 9.48
N MET B 103 -1.71 -9.73 8.37
CA MET B 103 -2.73 -10.73 8.13
C MET B 103 -2.03 -12.02 7.68
N LYS B 104 -2.37 -13.13 8.34
CA LYS B 104 -1.78 -14.41 8.01
C LYS B 104 -2.72 -15.17 7.11
N LEU B 105 -2.22 -15.62 5.96
CA LEU B 105 -3.04 -16.35 5.00
C LEU B 105 -3.22 -17.79 5.46
N LYS B 106 -4.35 -18.40 5.12
CA LYS B 106 -4.59 -19.77 5.51
C LYS B 106 -3.54 -20.69 4.87
N LYS B 107 -3.26 -20.50 3.59
CA LYS B 107 -2.22 -21.31 2.93
C LYS B 107 -1.32 -20.38 2.12
N PRO B 108 -0.05 -20.75 1.98
CA PRO B 108 0.85 -19.89 1.21
C PRO B 108 0.37 -19.75 -0.23
N VAL B 109 0.75 -18.66 -0.87
CA VAL B 109 0.39 -18.42 -2.24
C VAL B 109 1.68 -18.70 -3.02
N ALA B 110 1.55 -19.19 -4.26
CA ALA B 110 2.73 -19.46 -5.07
C ALA B 110 3.03 -18.21 -5.88
N PHE B 111 4.31 -17.87 -6.02
CA PHE B 111 4.68 -16.70 -6.77
C PHE B 111 4.58 -16.97 -8.28
N SER B 112 4.52 -15.91 -9.06
CA SER B 112 4.41 -16.01 -10.51
C SER B 112 4.95 -14.72 -11.06
N ASP B 113 4.73 -14.48 -12.35
CA ASP B 113 5.16 -13.24 -12.98
C ASP B 113 4.36 -12.04 -12.43
N TYR B 114 3.17 -12.34 -11.89
CA TYR B 114 2.25 -11.32 -11.37
C TYR B 114 2.13 -11.24 -9.83
N ILE B 115 2.76 -12.19 -9.13
CA ILE B 115 2.73 -12.26 -7.67
C ILE B 115 4.15 -12.41 -7.14
N HIS B 116 4.62 -11.44 -6.39
CA HIS B 116 5.97 -11.44 -5.85
C HIS B 116 6.04 -10.45 -4.67
N PRO B 117 6.69 -10.85 -3.56
CA PRO B 117 6.76 -9.94 -2.42
C PRO B 117 7.72 -8.77 -2.54
N VAL B 118 7.41 -7.71 -1.79
CA VAL B 118 8.22 -6.50 -1.74
C VAL B 118 9.13 -6.63 -0.49
N CYS B 119 10.27 -5.95 -0.47
CA CYS B 119 11.15 -6.00 0.70
C CYS B 119 10.76 -4.99 1.78
N LEU B 120 11.14 -5.29 3.02
CA LEU B 120 10.90 -4.41 4.18
C LEU B 120 12.24 -3.70 4.37
N PRO B 121 12.24 -2.41 4.68
CA PRO B 121 13.53 -1.74 4.84
C PRO B 121 14.35 -2.09 6.09
N ASP B 122 15.65 -1.86 5.99
CA ASP B 122 16.57 -2.06 7.09
C ASP B 122 16.91 -0.62 7.49
N ARG B 123 17.48 -0.41 8.68
CA ARG B 123 17.81 0.94 9.12
C ARG B 123 18.56 1.81 8.12
N GLU B 124 19.53 1.22 7.43
CA GLU B 124 20.33 1.96 6.48
C GLU B 124 19.55 2.38 5.24
N THR B 125 18.68 1.49 4.77
CA THR B 125 17.87 1.81 3.60
C THR B 125 16.95 2.97 3.98
N ALA B 126 16.32 2.90 5.15
CA ALA B 126 15.45 3.97 5.61
C ALA B 126 16.22 5.28 5.79
N ALA B 127 17.36 5.22 6.47
CA ALA B 127 18.13 6.44 6.70
C ALA B 127 18.54 7.09 5.40
N SER B 128 18.86 6.27 4.43
CA SER B 128 19.33 6.76 3.15
C SER B 128 18.24 7.26 2.18
N LEU B 129 17.09 6.59 2.15
CA LEU B 129 16.02 6.97 1.23
C LEU B 129 14.90 7.86 1.76
N LEU B 130 14.62 7.81 3.04
CA LEU B 130 13.54 8.64 3.59
C LEU B 130 14.00 10.07 3.79
N GLN B 131 14.13 10.81 2.69
CA GLN B 131 14.56 12.19 2.71
C GLN B 131 13.59 13.06 1.92
N ALA B 132 13.41 14.30 2.38
CA ALA B 132 12.49 15.25 1.74
C ALA B 132 12.91 15.50 0.31
N GLY B 133 11.96 15.41 -0.62
CA GLY B 133 12.30 15.63 -2.00
C GLY B 133 12.44 14.32 -2.77
N TYR B 134 12.87 13.25 -2.10
CA TYR B 134 13.00 11.95 -2.78
C TYR B 134 11.58 11.44 -3.06
N LYS B 135 11.37 10.85 -4.23
CA LYS B 135 10.05 10.36 -4.58
C LYS B 135 9.79 8.89 -4.34
N GLY B 136 8.54 8.60 -3.99
CA GLY B 136 8.11 7.24 -3.76
C GLY B 136 6.93 6.99 -4.69
N ARG B 137 6.43 5.75 -4.72
CA ARG B 137 5.33 5.41 -5.61
C ARG B 137 4.16 4.81 -4.85
N VAL B 138 2.95 5.26 -5.20
CA VAL B 138 1.74 4.75 -4.56
C VAL B 138 0.85 4.09 -5.60
N THR B 139 0.25 2.96 -5.29
CA THR B 139 -0.61 2.28 -6.25
C THR B 139 -1.95 1.91 -5.62
N GLY B 140 -3.00 1.81 -6.43
CA GLY B 140 -4.29 1.43 -5.89
C GLY B 140 -5.48 1.49 -6.84
N TRP B 141 -6.56 0.82 -6.47
CA TRP B 141 -7.80 0.81 -7.25
C TRP B 141 -8.81 1.82 -6.71
N GLY B 142 -8.35 2.71 -5.82
CA GLY B 142 -9.23 3.69 -5.22
C GLY B 142 -9.79 4.79 -6.11
N ASN B 143 -10.66 5.59 -5.51
CA ASN B 143 -11.32 6.70 -6.20
C ASN B 143 -10.37 7.59 -6.99
N LEU B 144 -10.84 8.05 -8.14
CA LEU B 144 -10.04 8.90 -9.00
C LEU B 144 -10.16 10.38 -8.66
N LYS B 145 -11.10 10.73 -7.78
CA LYS B 145 -11.27 12.12 -7.37
C LYS B 145 -12.01 12.12 -6.04
N GLU B 146 -11.77 13.13 -5.23
CA GLU B 146 -12.40 13.24 -3.92
C GLU B 146 -13.90 12.99 -4.00
N THR B 147 -14.54 13.65 -4.95
CA THR B 147 -15.97 13.51 -5.11
C THR B 147 -16.32 13.70 -6.59
N GLY B 155 -15.24 7.91 -11.81
CA GLY B 155 -15.21 7.70 -10.33
C GLY B 155 -14.21 6.64 -9.91
N GLN B 156 -14.39 5.43 -10.42
CA GLN B 156 -13.50 4.32 -10.13
C GLN B 156 -12.71 3.98 -11.38
N PRO B 157 -11.47 3.46 -11.21
CA PRO B 157 -10.67 3.13 -12.40
C PRO B 157 -11.01 1.72 -12.88
N SER B 158 -10.55 1.38 -14.08
CA SER B 158 -10.79 0.06 -14.63
C SER B 158 -9.64 -0.88 -14.28
N VAL B 159 -8.44 -0.31 -14.17
CA VAL B 159 -7.25 -1.08 -13.83
C VAL B 159 -6.41 -0.33 -12.78
N LEU B 160 -5.51 -1.06 -12.12
CA LEU B 160 -4.63 -0.49 -11.11
C LEU B 160 -4.03 0.85 -11.56
N GLN B 161 -4.02 1.84 -10.67
CA GLN B 161 -3.46 3.17 -10.97
C GLN B 161 -2.15 3.36 -10.21
N VAL B 162 -1.32 4.29 -10.66
CA VAL B 162 -0.02 4.53 -10.03
C VAL B 162 0.33 6.01 -10.06
N VAL B 163 1.02 6.49 -9.03
CA VAL B 163 1.47 7.87 -9.01
C VAL B 163 2.74 7.96 -8.19
N ASN B 164 3.69 8.81 -8.61
CA ASN B 164 4.94 8.98 -7.89
C ASN B 164 4.87 10.31 -7.17
N LEU B 165 5.24 10.33 -5.89
CA LEU B 165 5.16 11.57 -5.10
C LEU B 165 6.38 11.81 -4.23
N PRO B 166 6.74 13.09 -4.03
CA PRO B 166 7.90 13.39 -3.20
C PRO B 166 7.55 13.40 -1.70
N ILE B 167 8.53 13.03 -0.88
CA ILE B 167 8.38 13.03 0.56
C ILE B 167 8.48 14.51 0.94
N VAL B 168 7.72 14.94 1.93
CA VAL B 168 7.73 16.37 2.30
C VAL B 168 8.36 16.62 3.67
N GLU B 169 9.03 17.76 3.82
CA GLU B 169 9.68 18.17 5.06
C GLU B 169 8.70 18.04 6.24
N ARG B 170 9.18 17.55 7.38
CA ARG B 170 8.33 17.37 8.56
C ARG B 170 7.56 18.66 8.99
N PRO B 171 8.25 19.81 9.08
CA PRO B 171 7.60 21.07 9.48
C PRO B 171 6.40 21.41 8.60
N VAL B 172 6.58 21.24 7.29
CA VAL B 172 5.52 21.49 6.33
C VAL B 172 4.34 20.54 6.56
N CYS B 173 4.62 19.27 6.85
CA CYS B 173 3.56 18.30 7.11
C CYS B 173 2.76 18.76 8.36
N LYS B 174 3.50 19.19 9.38
CA LYS B 174 2.94 19.64 10.64
C LYS B 174 2.06 20.88 10.51
N ASP B 175 2.57 21.86 9.77
CA ASP B 175 1.86 23.13 9.57
C ASP B 175 0.69 23.10 8.60
N SER B 176 0.38 21.94 8.05
CA SER B 176 -0.72 21.77 7.09
C SER B 176 -1.98 21.18 7.71
N THR B 177 -1.92 20.83 8.98
CA THR B 177 -3.05 20.19 9.63
C THR B 177 -3.13 20.55 11.11
N ARG B 178 -4.29 20.31 11.70
CA ARG B 178 -4.53 20.56 13.12
C ARG B 178 -4.18 19.31 13.90
N ILE B 179 -4.25 18.16 13.23
CA ILE B 179 -3.94 16.88 13.85
C ILE B 179 -2.51 16.84 14.36
N ARG B 180 -2.31 16.20 15.50
CA ARG B 180 -0.97 16.07 16.06
C ARG B 180 -0.26 14.90 15.33
N ILE B 181 0.83 15.18 14.62
CA ILE B 181 1.49 14.08 13.92
C ILE B 181 2.69 13.51 14.70
N THR B 182 2.86 12.20 14.65
CA THR B 182 3.94 11.53 15.38
C THR B 182 5.13 11.11 14.52
N ASP B 183 6.13 10.53 15.17
CA ASP B 183 7.35 10.06 14.50
C ASP B 183 7.04 8.81 13.69
N ASN B 184 5.90 8.18 13.96
CA ASN B 184 5.50 6.98 13.23
C ASN B 184 4.76 7.28 11.93
N MET B 185 4.84 8.52 11.47
CA MET B 185 4.20 8.86 10.21
C MET B 185 5.03 9.88 9.46
N PHE B 186 4.83 9.95 8.15
CA PHE B 186 5.47 10.95 7.32
C PHE B 186 4.42 11.34 6.28
N CYS B 187 4.56 12.52 5.66
CA CYS B 187 3.57 12.92 4.68
C CYS B 187 4.26 13.09 3.34
N ALA B 188 3.48 12.98 2.27
CA ALA B 188 4.03 13.10 0.93
C ALA B 188 3.07 13.77 -0.06
N GLY B 189 3.63 14.41 -1.08
CA GLY B 189 2.81 15.06 -2.07
C GLY B 189 3.48 16.29 -2.60
N TYR B 190 2.91 16.85 -3.65
CA TYR B 190 3.46 18.05 -4.25
C TYR B 190 2.90 19.27 -3.51
N LYS B 191 3.69 20.34 -3.50
CA LYS B 191 3.29 21.62 -2.89
C LYS B 191 2.48 22.39 -3.95
N PRO B 192 1.66 23.37 -3.52
CA PRO B 192 0.84 24.14 -4.46
C PRO B 192 1.61 24.82 -5.60
N ASP B 193 2.86 25.17 -5.35
CA ASP B 193 3.67 25.84 -6.35
C ASP B 193 4.51 24.93 -7.24
N GLU B 194 4.45 23.63 -7.03
CA GLU B 194 5.27 22.73 -7.83
C GLU B 194 4.68 22.37 -9.18
N GLY B 195 3.41 22.72 -9.39
CA GLY B 195 2.79 22.46 -10.68
C GLY B 195 2.68 21.00 -11.08
N LYS B 196 2.37 20.14 -10.12
CA LYS B 196 2.18 18.72 -10.35
C LYS B 196 1.27 18.31 -9.21
N ARG B 197 0.32 17.44 -9.49
CA ARG B 197 -0.62 17.00 -8.48
C ARG B 197 -0.55 15.50 -8.29
N GLY B 198 -1.42 14.95 -7.47
CA GLY B 198 -1.42 13.51 -7.26
C GLY B 198 -1.60 13.17 -5.80
N ASP B 199 -2.38 12.13 -5.51
CA ASP B 199 -2.63 11.77 -4.14
C ASP B 199 -3.32 10.42 -4.14
N ALA B 200 -3.45 9.83 -2.96
CA ALA B 200 -4.20 8.63 -2.82
C ALA B 200 -5.58 9.08 -2.51
N CYS B 201 -6.56 8.20 -2.48
CA CYS B 201 -7.94 8.58 -2.16
C CYS B 201 -8.67 7.38 -1.58
N GLU B 202 -9.96 7.54 -1.29
CA GLU B 202 -10.76 6.48 -0.72
C GLU B 202 -10.59 5.16 -1.48
N GLY B 203 -10.36 4.07 -0.75
CA GLY B 203 -10.18 2.77 -1.40
C GLY B 203 -8.71 2.38 -1.57
N ASP B 204 -7.83 3.38 -1.54
CA ASP B 204 -6.38 3.18 -1.68
C ASP B 204 -5.66 2.94 -0.35
N SER B 205 -6.23 3.42 0.76
CA SER B 205 -5.55 3.26 2.04
C SER B 205 -5.23 1.81 2.34
N GLY B 206 -4.20 1.62 3.16
CA GLY B 206 -3.74 0.29 3.48
C GLY B 206 -2.70 -0.15 2.46
N GLY B 207 -2.68 0.54 1.32
CA GLY B 207 -1.74 0.22 0.25
C GLY B 207 -0.30 0.64 0.49
N PRO B 208 0.63 0.15 -0.34
CA PRO B 208 2.06 0.47 -0.17
C PRO B 208 2.62 1.73 -0.82
N PHE B 209 3.55 2.37 -0.13
CA PHE B 209 4.31 3.45 -0.64
C PHE B 209 5.67 2.88 -0.83
N VAL B 210 6.14 2.69 -2.06
CA VAL B 210 7.45 2.04 -2.24
C VAL B 210 8.52 2.90 -2.88
N MET B 211 9.78 2.51 -2.66
CA MET B 211 10.91 3.21 -3.24
C MET B 211 11.90 2.17 -3.81
N LYS B 212 12.62 2.54 -4.86
CA LYS B 212 13.57 1.61 -5.47
C LYS B 212 14.98 1.97 -5.03
N SER B 213 15.64 1.08 -4.31
CA SER B 213 17.00 1.38 -3.87
C SER B 213 17.98 1.50 -5.04
N PRO B 214 18.75 2.59 -5.09
CA PRO B 214 19.72 2.73 -6.20
C PRO B 214 21.02 1.94 -5.89
N PHE B 215 21.10 1.38 -4.69
CA PHE B 215 22.28 0.61 -4.27
C PHE B 215 22.18 -0.85 -4.65
N ASN B 216 21.00 -1.44 -4.50
CA ASN B 216 20.86 -2.84 -4.85
C ASN B 216 19.72 -3.13 -5.80
N ASN B 217 19.09 -2.08 -6.31
CA ASN B 217 18.01 -2.21 -7.26
C ASN B 217 16.73 -2.90 -6.83
N ARG B 218 16.52 -3.04 -5.53
CA ARG B 218 15.31 -3.68 -5.04
C ARG B 218 14.25 -2.66 -4.64
N TRP B 219 12.99 -3.09 -4.65
CA TRP B 219 11.89 -2.24 -4.25
C TRP B 219 11.62 -2.49 -2.76
N TYR B 220 11.53 -1.39 -2.00
CA TYR B 220 11.29 -1.43 -0.55
C TYR B 220 9.99 -0.71 -0.18
N GLN B 221 9.18 -1.29 0.71
CA GLN B 221 7.96 -0.62 1.13
C GLN B 221 8.33 0.29 2.31
N MET B 222 8.36 1.59 2.09
CA MET B 222 8.71 2.53 3.14
C MET B 222 7.48 3.00 3.93
N GLY B 223 6.30 2.93 3.31
CA GLY B 223 5.11 3.41 3.98
C GLY B 223 3.83 2.67 3.70
N ILE B 224 2.79 2.99 4.47
CA ILE B 224 1.46 2.43 4.28
C ILE B 224 0.52 3.64 4.19
N VAL B 225 -0.32 3.68 3.16
CA VAL B 225 -1.27 4.79 2.99
C VAL B 225 -2.15 4.78 4.25
N SER B 226 -2.07 5.85 5.03
CA SER B 226 -2.80 5.91 6.29
C SER B 226 -4.00 6.85 6.32
N TRP B 227 -3.77 8.15 6.21
CA TRP B 227 -4.91 9.07 6.23
C TRP B 227 -4.58 10.39 5.56
N GLY B 228 -5.64 11.12 5.21
CA GLY B 228 -5.49 12.43 4.60
C GLY B 228 -6.79 13.18 4.82
N GLU B 229 -6.81 14.46 4.50
CA GLU B 229 -8.02 15.24 4.65
C GLU B 229 -8.40 15.61 3.21
N GLY B 230 -9.31 14.84 2.63
CA GLY B 230 -9.69 15.05 1.24
C GLY B 230 -8.67 14.32 0.36
N CYS B 231 -8.70 14.57 -0.94
CA CYS B 231 -7.78 13.95 -1.90
C CYS B 231 -7.28 14.99 -2.87
N ASP B 232 -5.98 15.14 -2.95
CA ASP B 232 -5.36 16.09 -3.88
C ASP B 232 -5.78 17.56 -3.70
N ARG B 233 -5.98 17.98 -2.45
CA ARG B 233 -6.34 19.37 -2.17
C ARG B 233 -5.04 20.15 -2.08
N ASP B 234 -5.00 21.37 -2.61
CA ASP B 234 -3.79 22.16 -2.52
C ASP B 234 -3.44 22.42 -1.07
N GLY B 235 -2.15 22.38 -0.75
CA GLY B 235 -1.71 22.66 0.60
C GLY B 235 -1.99 21.58 1.63
N LYS B 236 -2.54 20.44 1.20
CA LYS B 236 -2.78 19.33 2.12
C LYS B 236 -1.87 18.17 1.66
N TYR B 237 -1.63 17.19 2.53
CA TYR B 237 -0.74 16.09 2.17
C TYR B 237 -1.22 14.73 2.70
N GLY B 238 -0.89 13.68 1.97
CA GLY B 238 -1.25 12.36 2.40
C GLY B 238 -0.29 11.92 3.50
N PHE B 239 -0.80 11.22 4.51
CA PHE B 239 0.04 10.75 5.58
C PHE B 239 0.20 9.23 5.52
N TYR B 240 1.41 8.79 5.84
CA TYR B 240 1.76 7.37 5.70
C TYR B 240 2.37 6.80 6.98
N THR B 241 2.08 5.51 7.22
CA THR B 241 2.71 4.85 8.36
C THR B 241 4.20 4.56 8.10
N HIS B 242 5.03 4.92 9.08
CA HIS B 242 6.46 4.70 9.00
C HIS B 242 6.81 3.23 9.22
N VAL B 243 6.86 2.44 8.11
CA VAL B 243 7.13 1.00 8.26
C VAL B 243 8.44 0.73 8.99
N PHE B 244 9.54 1.42 8.74
CA PHE B 244 10.73 0.98 9.47
C PHE B 244 10.62 1.24 10.97
N ARG B 245 10.05 2.37 11.38
CA ARG B 245 9.90 2.65 12.79
C ARG B 245 9.08 1.56 13.48
N LEU B 246 8.32 0.78 12.72
CA LEU B 246 7.52 -0.27 13.32
C LEU B 246 7.97 -1.69 12.98
N LYS B 247 9.14 -1.82 12.35
CA LYS B 247 9.64 -3.14 11.95
C LYS B 247 9.80 -4.15 13.09
N LYS B 248 10.21 -3.66 14.26
CA LYS B 248 10.38 -4.52 15.42
C LYS B 248 9.10 -5.27 15.72
N TRP B 249 7.97 -4.57 15.74
CA TRP B 249 6.69 -5.20 16.02
C TRP B 249 6.38 -6.23 14.93
N ILE B 250 6.69 -5.89 13.69
CA ILE B 250 6.41 -6.78 12.56
C ILE B 250 7.20 -8.09 12.72
N GLN B 251 8.49 -7.99 12.98
CA GLN B 251 9.31 -9.17 13.17
C GLN B 251 8.81 -9.96 14.37
N LYS B 252 8.41 -9.25 15.42
CA LYS B 252 7.88 -9.88 16.61
C LYS B 252 6.72 -10.81 16.25
N VAL B 253 5.67 -10.26 15.65
CA VAL B 253 4.50 -11.04 15.27
C VAL B 253 4.84 -12.23 14.36
N ILE B 254 5.65 -11.99 13.35
CA ILE B 254 6.01 -13.05 12.43
C ILE B 254 6.84 -14.15 13.11
N ASP B 255 7.85 -13.75 13.87
CA ASP B 255 8.70 -14.71 14.56
C ASP B 255 7.95 -15.54 15.60
N GLN B 256 7.06 -14.91 16.36
CA GLN B 256 6.30 -15.61 17.40
C GLN B 256 5.10 -16.40 16.86
N PHE B 257 4.40 -15.85 15.88
CA PHE B 257 3.24 -16.53 15.30
C PHE B 257 3.57 -17.16 13.96
N GLY C 1 -18.21 0.22 -12.00
CA GLY C 1 -19.44 -0.59 -11.77
C GLY C 1 -19.24 -1.63 -10.68
N ASP C 2 -20.14 -2.62 -10.63
CA ASP C 2 -20.06 -3.68 -9.65
C ASP C 2 -19.04 -4.73 -10.05
N PHE C 3 -18.62 -5.55 -9.09
CA PHE C 3 -17.63 -6.58 -9.35
C PHE C 3 -18.22 -7.82 -9.99
N GLU C 4 -17.33 -8.66 -10.53
CA GLU C 4 -17.75 -9.88 -11.19
C GLU C 4 -17.73 -11.09 -10.26
N GLU C 5 -18.56 -12.08 -10.59
CA GLU C 5 -18.68 -13.31 -9.82
C GLU C 5 -17.38 -14.08 -9.67
N ILE C 6 -16.98 -14.29 -8.42
CA ILE C 6 -15.77 -15.05 -8.13
C ILE C 6 -16.23 -16.45 -7.72
N PRO C 7 -15.45 -17.49 -8.07
CA PRO C 7 -15.80 -18.87 -7.72
C PRO C 7 -16.34 -19.07 -6.30
N GLU C 8 -17.33 -19.95 -6.17
CA GLU C 8 -17.96 -20.24 -4.89
C GLU C 8 -16.99 -20.81 -3.86
N GLU C 9 -15.99 -21.54 -4.32
CA GLU C 9 -14.99 -22.14 -3.44
C GLU C 9 -14.36 -21.12 -2.51
N TYS C 10 -14.35 -19.85 -2.92
CA TYS C 10 -13.74 -18.80 -2.12
CB TYS C 10 -13.06 -17.78 -3.05
CG TYS C 10 -12.10 -18.48 -3.98
CD1 TYS C 10 -12.32 -18.39 -5.47
CD2 TYS C 10 -10.94 -19.31 -3.45
CE1 TYS C 10 -11.34 -19.04 -6.43
CE2 TYS C 10 -9.97 -19.97 -4.40
CZ TYS C 10 -10.11 -19.73 -5.89
OH TYS C 10 -9.01 -19.98 -6.69
S TYS C 10 -8.05 -18.84 -7.10
O1 TYS C 10 -7.15 -18.48 -5.92
O2 TYS C 10 -7.17 -19.39 -8.25
O3 TYS C 10 -8.82 -17.59 -7.62
C TYS C 10 -14.72 -18.04 -1.22
O TYS C 10 -14.33 -17.09 -0.54
N LEU C 11 -15.97 -18.48 -1.19
CA LEU C 11 -16.98 -17.83 -0.37
C LEU C 11 -17.47 -18.71 0.77
N GLN C 12 -16.80 -19.84 0.99
CA GLN C 12 -17.18 -20.76 2.06
C GLN C 12 -15.97 -21.04 2.97
C1 NAG D . -14.41 -5.91 17.45
C2 NAG D . -14.94 -5.57 18.86
C3 NAG D . -14.31 -6.42 20.00
C4 NAG D . -14.50 -7.89 19.54
C5 NAG D . -13.92 -8.11 18.13
C6 NAG D . -13.99 -9.59 17.72
C7 NAG D . -13.68 -3.54 19.28
C8 NAG D . -13.80 -2.05 19.46
N2 NAG D . -14.85 -4.15 19.13
O3 NAG D . -15.00 -6.20 21.24
O4 NAG D . -13.87 -8.75 20.53
O5 NAG D . -14.63 -7.31 17.15
O6 NAG D . -15.30 -10.02 17.33
O7 NAG D . -12.60 -4.15 19.26
NA NA E . -0.40 22.09 12.84
NA NA F . -2.22 17.98 -1.81
C1 BT3 G . -4.61 10.04 1.50
C2 BT3 G . -6.03 10.36 1.05
C3 BT3 G . -7.15 9.59 1.63
C4 BT3 G . -6.90 8.49 2.62
C5 BT3 G . -5.53 8.16 3.03
C6 BT3 G . -4.36 8.95 2.48
S1 BT3 G . -8.83 9.78 1.45
C8 BT3 G . -9.28 8.53 2.49
C9 BT3 G . -8.12 7.93 3.11
C7 BT3 G . -8.20 7.09 4.40
C10 BT3 G . -10.70 8.20 2.77
C12 BT3 G . -11.18 6.81 3.02
C14 BT3 G . -12.60 6.56 3.44
C16 BT3 G . -13.49 7.81 3.53
N1 BT3 G . -13.00 9.11 3.31
C20 BT3 G . -11.66 9.31 2.94
O2 BT3 G . -14.80 7.59 3.45
C24 BT3 G . -15.52 8.26 4.58
C11 BT3 G . -9.00 9.21 5.94
C13 BT3 G . -8.63 7.74 5.77
C15 BT3 G . -8.70 6.89 7.02
C32 BT3 G . -9.21 7.45 8.32
C19 BT3 G . -9.67 8.89 8.38
C21 BT3 G . -9.46 9.77 7.22
O3 BT3 G . -10.41 9.27 9.48
C25 BT3 G . -10.62 10.62 9.96
C17 BT3 G . -7.09 10.62 12.47
C23 BT3 G . -6.48 11.83 11.82
C26 BT3 G . -7.56 12.57 11.03
N2 BT3 G . -8.76 11.70 11.29
C27 BT3 G . -8.41 10.34 11.79
C22 BT3 G . -17.18 5.57 4.57
N3 BT3 G . -17.07 6.73 5.54
C28 BT3 G . -18.16 6.66 6.61
C29 BT3 G . -18.36 5.14 6.69
C30 BT3 G . -17.51 4.49 5.59
C33 BT3 G . -9.39 11.53 9.94
C34 BT3 G . -17.00 7.84 4.49
O1 BT3 G . -3.57 10.87 1.12
#